data_3PDX
#
_entry.id   3PDX
#
_cell.length_a   69.275
_cell.length_b   84.839
_cell.length_c   157.992
_cell.angle_alpha   90.00
_cell.angle_beta   90.00
_cell.angle_gamma   90.00
#
_symmetry.space_group_name_H-M   'C 2 2 21'
#
loop_
_entity.id
_entity.type
_entity.pdbx_description
1 polymer 'Tyrosine aminotransferase'
2 water water
#
_entity_poly.entity_id   1
_entity_poly.type   'polypeptide(L)'
_entity_poly.pdbx_seq_one_letter_code
;WNVRPSDMSNKTFNPIRAIVDNMKVKPNPNKTVISLSIGDPTVFGNLPTDPEVTQAMKDALDSGKYNGYAPSIGYLSSRE
EVASYYHCPEAPLEAKDVILTSGCSQAIELCLAVLANPGQNILIPRPGFSLYRTLAESMGIEVKLYNLLPEKSWEIDLKQ
LESLIDEKTACLVVNNPSNPCGSVFSKRHLQKILAVAERQCVPILADEIYGDMVFSDCKYEPMATLSTNVPILSCGGLA
(LLP)RWLVPGWRLGWILIHDRRDIFGNEIRDGLVKLSQRILGPCTIVQGALKSILQRTPQEFYQDTLSFLKSNADLCYG
ALSAIPGLQPVRPSGAMYLMVGIEMEHFPEFENDVEFTERLIAEQSVHCLPATCFEYPNFFRVVITVPEVMMLEACSRIQ
EFCEQHY
;
_entity_poly.pdbx_strand_id   A
#
# COMPACT_ATOMS: atom_id res chain seq x y z
N LYS A 24 -16.62 -16.51 9.85
CA LYS A 24 -16.58 -16.76 11.29
C LYS A 24 -16.56 -18.26 11.59
N VAL A 25 -16.54 -19.07 10.53
CA VAL A 25 -16.51 -20.56 10.69
C VAL A 25 -15.24 -21.03 11.40
N LYS A 26 -15.37 -22.06 12.23
CA LYS A 26 -14.21 -22.65 12.89
C LYS A 26 -13.31 -23.43 11.91
N PRO A 27 -12.00 -23.56 12.24
CA PRO A 27 -11.08 -24.29 11.39
C PRO A 27 -11.34 -25.77 11.51
N ASN A 28 -10.67 -26.53 10.64
CA ASN A 28 -10.50 -27.91 10.92
C ASN A 28 -9.66 -27.95 12.17
N PRO A 29 -10.26 -28.43 13.28
CA PRO A 29 -9.53 -28.44 14.55
C PRO A 29 -8.36 -29.44 14.51
N ASN A 30 -8.24 -30.13 13.36
CA ASN A 30 -7.32 -31.26 13.21
C ASN A 30 -6.07 -30.90 12.41
N LYS A 31 -5.90 -29.61 12.12
CA LYS A 31 -4.80 -29.08 11.33
C LYS A 31 -4.41 -27.74 11.94
N THR A 32 -3.10 -27.51 12.09
CA THR A 32 -2.54 -26.21 12.56
C THR A 32 -3.03 -25.08 11.64
N VAL A 33 -3.74 -24.11 12.23
CA VAL A 33 -4.31 -23.01 11.46
C VAL A 33 -3.23 -22.15 10.84
N ILE A 34 -3.33 -21.91 9.54
CA ILE A 34 -2.34 -21.07 8.84
C ILE A 34 -2.97 -19.80 8.27
N SER A 35 -2.54 -18.66 8.80
CA SER A 35 -3.16 -17.40 8.45
C SER A 35 -2.37 -16.66 7.35
N LEU A 36 -2.90 -16.68 6.15
CA LEU A 36 -2.16 -16.12 5.05
C LEU A 36 -2.68 -14.77 4.62
N SER A 37 -3.66 -14.30 5.39
CA SER A 37 -4.46 -13.22 4.91
C SER A 37 -4.13 -11.91 5.58
N ILE A 38 -3.53 -11.99 6.76
CA ILE A 38 -3.21 -10.81 7.55
C ILE A 38 -1.80 -10.23 7.22
N GLY A 39 -1.77 -8.90 6.99
CA GLY A 39 -0.61 -8.21 6.41
C GLY A 39 0.49 -7.77 7.38
N ASP A 40 0.29 -8.03 8.68
CA ASP A 40 1.17 -7.56 9.73
C ASP A 40 2.47 -8.35 9.68
N PRO A 41 3.56 -7.72 9.17
CA PRO A 41 4.82 -8.46 9.02
C PRO A 41 5.34 -9.07 10.33
N THR A 42 4.96 -8.46 11.45
CA THR A 42 5.59 -8.77 12.72
C THR A 42 4.79 -9.78 13.49
N VAL A 43 3.94 -10.55 12.81
CA VAL A 43 3.11 -11.49 13.54
C VAL A 43 3.96 -12.66 14.11
N PHE A 44 4.67 -13.40 13.27
CA PHE A 44 5.49 -14.53 13.77
C PHE A 44 6.92 -14.04 14.05
N GLY A 45 7.08 -12.72 14.02
CA GLY A 45 8.36 -12.06 14.31
C GLY A 45 9.59 -12.62 13.60
N ASN A 46 9.45 -12.91 12.32
CA ASN A 46 10.59 -13.26 11.47
C ASN A 46 10.96 -12.04 10.67
N LEU A 47 10.16 -10.97 10.81
CA LEU A 47 10.42 -9.64 10.23
C LEU A 47 10.50 -8.51 11.29
N PRO A 48 11.35 -8.70 12.31
CA PRO A 48 11.41 -7.62 13.25
C PRO A 48 12.23 -6.50 12.61
N THR A 49 12.11 -5.28 13.15
CA THR A 49 12.81 -4.13 12.63
C THR A 49 14.24 -4.08 13.14
N ASP A 50 15.09 -3.33 12.41
CA ASP A 50 16.51 -3.20 12.70
C ASP A 50 16.69 -2.58 14.05
N PRO A 51 17.63 -3.11 14.85
CA PRO A 51 17.83 -2.56 16.18
C PRO A 51 18.34 -1.12 16.10
N GLU A 52 18.54 -0.59 14.90
CA GLU A 52 18.92 0.81 14.77
C GLU A 52 17.68 1.64 14.90
N VAL A 53 16.56 1.04 14.50
CA VAL A 53 15.23 1.70 14.58
C VAL A 53 14.82 1.82 16.04
N THR A 54 14.88 0.68 16.73
CA THR A 54 14.55 0.56 18.15
C THR A 54 15.44 1.51 18.99
N GLN A 55 16.70 1.64 18.60
CA GLN A 55 17.59 2.46 19.36
C GLN A 55 17.17 3.93 19.25
N ALA A 56 16.96 4.40 18.00
CA ALA A 56 16.66 5.82 17.72
C ALA A 56 15.46 6.35 18.57
N MET A 57 14.42 5.52 18.68
CA MET A 57 13.34 5.74 19.61
C MET A 57 13.85 5.91 21.07
N LYS A 58 14.62 4.94 21.55
CA LYS A 58 15.17 4.99 22.90
C LYS A 58 16.10 6.20 23.06
N ASP A 59 16.97 6.40 22.08
CA ASP A 59 17.79 7.59 22.05
C ASP A 59 16.87 8.82 22.17
N ALA A 60 15.82 8.86 21.34
CA ALA A 60 14.87 9.98 21.31
C ALA A 60 14.08 10.17 22.61
N LEU A 61 13.70 9.06 23.24
CA LEU A 61 13.08 9.11 24.56
C LEU A 61 14.10 9.66 25.51
N ASP A 62 15.32 9.13 25.39
CA ASP A 62 16.35 9.35 26.40
C ASP A 62 16.73 10.81 26.56
N SER A 63 16.78 11.51 25.44
CA SER A 63 17.04 12.96 25.46
C SER A 63 15.87 13.72 26.11
N GLY A 64 14.68 13.13 26.17
CA GLY A 64 13.52 13.81 26.70
C GLY A 64 13.35 15.16 26.04
N LYS A 65 13.77 15.30 24.79
CA LYS A 65 13.60 16.58 24.07
C LYS A 65 12.23 16.63 23.37
N TYR A 66 11.54 15.51 23.35
CA TYR A 66 10.39 15.36 22.51
C TYR A 66 9.10 15.03 23.15
N ASN A 67 8.93 15.42 24.39
CA ASN A 67 7.70 15.08 25.09
C ASN A 67 6.55 16.06 25.06
N GLY A 68 6.81 17.29 24.60
CA GLY A 68 5.82 18.38 24.54
C GLY A 68 5.19 18.57 23.18
N TYR A 69 4.35 19.59 23.07
CA TYR A 69 3.56 19.80 21.88
C TYR A 69 4.45 20.11 20.71
N ALA A 70 4.07 19.61 19.52
CA ALA A 70 4.71 20.00 18.25
C ALA A 70 3.70 20.70 17.36
N PRO A 71 4.14 21.29 16.25
CA PRO A 71 3.10 21.73 15.34
C PRO A 71 2.29 20.54 14.93
N SER A 72 0.98 20.76 14.77
CA SER A 72 0.06 19.75 14.23
C SER A 72 0.66 19.11 12.97
N ILE A 73 1.38 19.90 12.14
CA ILE A 73 2.00 19.41 10.88
C ILE A 73 3.27 18.60 11.17
N GLY A 74 3.78 18.75 12.39
CA GLY A 74 4.93 18.01 12.88
C GLY A 74 6.09 18.93 13.22
N TYR A 75 7.16 18.37 13.81
CA TYR A 75 8.37 19.14 14.12
C TYR A 75 8.99 19.72 12.90
N LEU A 76 9.54 20.93 13.05
CA LEU A 76 10.31 21.54 11.97
C LEU A 76 11.27 20.52 11.46
N SER A 77 12.10 20.04 12.40
CA SER A 77 13.29 19.29 12.14
C SER A 77 12.93 17.95 11.63
N SER A 78 12.00 17.30 12.30
CA SER A 78 11.53 16.06 11.77
C SER A 78 11.10 16.31 10.32
N ARG A 79 10.23 17.30 10.09
CA ARG A 79 9.69 17.51 8.76
C ARG A 79 10.81 17.79 7.79
N GLU A 80 11.74 18.63 8.22
CA GLU A 80 12.98 18.97 7.50
C GLU A 80 13.74 17.78 6.97
N GLU A 81 13.83 16.77 7.83
CA GLU A 81 14.72 15.64 7.62
C GLU A 81 14.16 14.53 6.73
N VAL A 82 12.84 14.38 6.75
CA VAL A 82 12.15 13.41 5.90
C VAL A 82 12.09 13.99 4.49
N ALA A 83 11.97 15.31 4.46
CA ALA A 83 11.99 16.12 3.24
C ALA A 83 13.29 15.88 2.48
N SER A 84 14.38 15.85 3.25
CA SER A 84 15.71 15.57 2.73
C SER A 84 15.83 14.16 2.15
N TYR A 85 15.41 13.17 2.94
CA TYR A 85 15.49 11.79 2.49
C TYR A 85 14.85 11.54 1.08
N TYR A 86 13.81 12.30 0.71
CA TYR A 86 13.07 12.09 -0.54
C TYR A 86 13.22 13.23 -1.56
N HIS A 87 14.45 13.69 -1.77
CA HIS A 87 14.69 14.88 -2.57
C HIS A 87 15.56 14.58 -3.79
N CYS A 88 15.15 15.12 -4.94
CA CYS A 88 15.84 14.97 -6.23
C CYS A 88 15.30 16.05 -7.15
N PRO A 89 16.17 16.54 -8.10
CA PRO A 89 15.81 17.70 -8.94
C PRO A 89 14.48 17.49 -9.66
N GLU A 90 14.24 16.25 -10.09
CA GLU A 90 13.06 15.91 -10.89
C GLU A 90 11.83 16.17 -10.04
N ALA A 91 11.82 15.58 -8.85
CA ALA A 91 10.78 15.84 -7.87
C ALA A 91 11.37 16.51 -6.65
N PRO A 92 11.74 17.81 -6.76
CA PRO A 92 12.51 18.47 -5.68
C PRO A 92 11.64 18.72 -4.45
N LEU A 93 12.07 18.18 -3.31
CA LEU A 93 11.28 18.30 -2.07
C LEU A 93 11.94 19.21 -1.07
N GLU A 94 11.11 19.98 -0.35
CA GLU A 94 11.57 20.97 0.62
C GLU A 94 10.87 20.76 1.96
N ALA A 95 11.48 21.27 3.02
CA ALA A 95 10.97 21.11 4.38
C ALA A 95 9.46 21.36 4.48
N LYS A 96 8.96 22.24 3.63
CA LYS A 96 7.63 22.82 3.74
C LYS A 96 6.55 22.06 2.99
N ASP A 97 6.96 21.15 2.11
CA ASP A 97 6.01 20.31 1.35
C ASP A 97 5.74 18.99 2.07
N VAL A 98 6.34 18.89 3.28
CA VAL A 98 6.18 17.76 4.19
C VAL A 98 5.15 18.06 5.30
N ILE A 99 4.18 17.14 5.46
CA ILE A 99 3.32 17.09 6.66
C ILE A 99 3.38 15.68 7.27
N LEU A 100 3.52 15.63 8.59
CA LEU A 100 3.62 14.38 9.31
C LEU A 100 2.31 14.02 9.98
N THR A 101 1.87 12.80 9.72
CA THR A 101 0.59 12.33 10.21
C THR A 101 0.74 10.92 10.72
N SER A 102 -0.13 10.54 11.65
CA SER A 102 -0.07 9.25 12.27
C SER A 102 -0.55 8.18 11.31
N GLY A 103 0.26 7.96 10.27
CA GLY A 103 0.02 6.94 9.27
C GLY A 103 -0.59 7.39 7.95
N CYS A 104 -0.67 6.47 7.00
CA CYS A 104 -1.24 6.76 5.67
C CYS A 104 -2.76 6.82 5.70
N SER A 105 -3.34 6.11 6.67
CA SER A 105 -4.76 6.25 7.01
C SER A 105 -5.27 7.68 7.14
N GLN A 106 -4.54 8.48 7.92
CA GLN A 106 -4.63 9.95 7.85
C GLN A 106 -4.10 10.56 6.53
N ALA A 107 -2.96 10.07 6.03
CA ALA A 107 -2.35 10.68 4.82
C ALA A 107 -3.30 10.63 3.64
N ILE A 108 -4.34 9.78 3.77
CA ILE A 108 -5.43 9.66 2.78
C ILE A 108 -6.66 10.45 3.25
N GLU A 109 -6.98 10.26 4.51
CA GLU A 109 -8.08 10.94 5.16
C GLU A 109 -8.02 12.46 4.92
N LEU A 110 -6.85 13.02 5.25
CA LEU A 110 -6.60 14.44 5.01
C LEU A 110 -6.48 14.72 3.53
N CYS A 111 -5.72 13.88 2.83
CA CYS A 111 -5.46 14.16 1.44
C CYS A 111 -6.73 14.22 0.63
N LEU A 112 -7.77 13.57 1.15
CA LEU A 112 -9.08 13.63 0.52
C LEU A 112 -9.86 14.88 0.96
N ALA A 113 -10.08 15.02 2.27
CA ALA A 113 -10.90 16.12 2.79
C ALA A 113 -10.56 17.49 2.09
N VAL A 114 -9.28 17.70 1.77
CA VAL A 114 -8.88 18.94 1.13
C VAL A 114 -9.21 19.16 -0.38
N LEU A 115 -9.32 18.07 -1.13
CA LEU A 115 -9.45 18.13 -2.59
C LEU A 115 -10.89 18.10 -3.06
N ALA A 116 -11.79 17.65 -2.18
CA ALA A 116 -13.15 17.28 -2.59
C ALA A 116 -14.18 17.23 -1.44
N ASN A 117 -15.41 17.68 -1.75
CA ASN A 117 -16.58 17.79 -0.82
C ASN A 117 -17.83 16.93 -1.19
N PRO A 118 -18.70 16.60 -0.17
CA PRO A 118 -19.83 15.68 -0.45
C PRO A 118 -20.60 15.88 -1.78
N GLY A 119 -20.85 14.75 -2.48
CA GLY A 119 -21.37 14.81 -3.86
C GLY A 119 -20.35 14.97 -5.00
N GLN A 120 -19.12 14.57 -4.72
CA GLN A 120 -18.04 14.56 -5.72
C GLN A 120 -17.34 13.20 -5.88
N ASN A 121 -16.42 13.09 -6.85
CA ASN A 121 -15.88 11.79 -7.28
C ASN A 121 -14.38 11.64 -7.61
N ILE A 122 -13.81 10.49 -7.22
CA ILE A 122 -12.38 10.18 -7.27
C ILE A 122 -12.10 8.85 -7.94
N LEU A 123 -10.99 8.77 -8.67
CA LEU A 123 -10.61 7.51 -9.33
C LEU A 123 -9.74 6.54 -8.53
N ILE A 124 -10.36 5.38 -8.24
CA ILE A 124 -9.88 4.30 -7.35
C ILE A 124 -9.39 3.13 -8.19
N PRO A 125 -8.49 2.27 -7.64
CA PRO A 125 -8.20 1.00 -8.29
C PRO A 125 -9.20 -0.12 -8.01
N ARG A 126 -9.34 -0.97 -9.01
CA ARG A 126 -9.87 -2.32 -8.81
C ARG A 126 -8.95 -3.38 -9.45
N PRO A 127 -8.42 -4.28 -8.60
CA PRO A 127 -8.72 -4.27 -7.18
C PRO A 127 -7.85 -3.28 -6.37
N GLY A 128 -8.40 -2.75 -5.28
CA GLY A 128 -7.67 -1.79 -4.46
C GLY A 128 -7.87 -1.91 -2.95
N PHE A 129 -7.00 -1.26 -2.20
CA PHE A 129 -7.13 -1.15 -0.75
C PHE A 129 -8.58 -0.83 -0.32
N SER A 130 -9.13 -1.69 0.50
CA SER A 130 -10.51 -1.54 0.95
C SER A 130 -10.68 -0.26 1.72
N LEU A 131 -9.59 0.48 1.93
CA LEU A 131 -9.68 1.69 2.69
C LEU A 131 -10.21 2.91 1.97
N TYR A 132 -9.74 3.10 0.74
CA TYR A 132 -10.13 4.25 -0.03
C TYR A 132 -11.65 4.39 -0.04
N ARG A 133 -12.32 3.24 -0.02
CA ARG A 133 -13.78 3.19 0.06
C ARG A 133 -14.29 3.64 1.44
N THR A 134 -13.87 2.94 2.50
CA THR A 134 -14.42 3.18 3.83
C THR A 134 -14.32 4.69 4.15
N LEU A 135 -13.31 5.31 3.59
CA LEU A 135 -13.25 6.75 3.64
C LEU A 135 -14.09 7.60 2.71
N ALA A 136 -13.92 7.47 1.40
CA ALA A 136 -14.58 8.40 0.46
C ALA A 136 -16.11 8.33 0.69
N GLU A 137 -16.65 7.11 0.68
CA GLU A 137 -18.02 6.86 1.12
C GLU A 137 -18.37 7.53 2.50
N SER A 138 -17.55 7.28 3.53
CA SER A 138 -17.74 7.83 4.89
C SER A 138 -17.37 9.31 5.03
N MET A 139 -16.71 9.86 4.02
CA MET A 139 -16.39 11.29 3.96
C MET A 139 -17.54 12.04 3.27
N GLY A 140 -18.40 11.29 2.58
CA GLY A 140 -19.42 11.89 1.72
C GLY A 140 -18.90 12.12 0.30
N ILE A 141 -18.14 11.16 -0.20
CA ILE A 141 -17.69 11.17 -1.60
C ILE A 141 -18.16 9.87 -2.25
N GLU A 142 -18.74 10.00 -3.46
CA GLU A 142 -19.11 8.82 -4.24
C GLU A 142 -17.94 8.33 -5.11
N VAL A 143 -17.75 7.01 -5.14
CA VAL A 143 -16.50 6.38 -5.66
C VAL A 143 -16.57 5.78 -7.08
N LYS A 144 -15.61 6.15 -7.93
CA LYS A 144 -15.48 5.52 -9.25
C LYS A 144 -14.20 4.72 -9.31
N LEU A 145 -14.33 3.43 -9.65
CA LEU A 145 -13.21 2.48 -9.61
C LEU A 145 -12.72 2.16 -11.01
N TYR A 146 -11.45 2.51 -11.31
CA TYR A 146 -10.81 2.08 -12.56
C TYR A 146 -10.32 0.61 -12.48
N ASN A 147 -9.64 0.14 -13.54
CA ASN A 147 -9.30 -1.29 -13.63
C ASN A 147 -7.85 -1.75 -13.84
N LEU A 148 -7.40 -2.68 -12.98
CA LEU A 148 -6.06 -3.27 -13.06
C LEU A 148 -6.11 -4.55 -13.89
N LEU A 149 -5.10 -4.71 -14.74
CA LEU A 149 -5.09 -5.79 -15.73
C LEU A 149 -4.22 -7.00 -15.35
N PRO A 150 -4.90 -8.06 -14.87
CA PRO A 150 -4.22 -9.27 -14.50
C PRO A 150 -3.43 -9.84 -15.68
N GLU A 151 -4.01 -9.79 -16.88
CA GLU A 151 -3.35 -10.27 -18.10
C GLU A 151 -1.96 -9.63 -18.33
N LYS A 152 -1.82 -8.38 -17.93
CA LYS A 152 -0.53 -7.70 -18.01
C LYS A 152 -0.26 -6.95 -16.71
N SER A 153 0.39 -7.65 -15.77
CA SER A 153 0.98 -7.09 -14.52
C SER A 153 0.06 -6.23 -13.62
N TRP A 154 -1.26 -6.42 -13.79
CA TRP A 154 -2.29 -5.58 -13.21
C TRP A 154 -2.14 -4.11 -13.58
N GLU A 155 -1.71 -3.81 -14.80
CA GLU A 155 -1.55 -2.42 -15.15
C GLU A 155 -2.93 -1.84 -15.36
N ILE A 156 -3.04 -0.51 -15.29
CA ILE A 156 -4.34 0.17 -15.37
C ILE A 156 -4.99 0.04 -16.78
N ASP A 157 -6.33 0.05 -16.83
CA ASP A 157 -7.06 0.15 -18.11
C ASP A 157 -7.27 1.58 -18.53
N LEU A 158 -6.60 1.94 -19.64
CA LEU A 158 -6.53 3.33 -20.07
C LEU A 158 -7.83 3.84 -20.64
N LYS A 159 -8.61 2.95 -21.26
CA LYS A 159 -9.95 3.32 -21.70
C LYS A 159 -10.81 3.73 -20.51
N GLN A 160 -10.92 2.82 -19.55
CA GLN A 160 -11.63 3.02 -18.32
C GLN A 160 -11.44 4.43 -17.80
N LEU A 161 -10.17 4.69 -17.53
CA LEU A 161 -9.66 5.90 -16.91
C LEU A 161 -10.05 7.15 -17.68
N GLU A 162 -9.58 7.26 -18.94
CA GLU A 162 -9.82 8.45 -19.76
C GLU A 162 -11.29 8.88 -19.66
N SER A 163 -12.20 7.91 -19.65
CA SER A 163 -13.64 8.18 -19.72
C SER A 163 -14.42 7.73 -18.50
N LEU A 164 -13.78 7.75 -17.34
CA LEU A 164 -14.54 7.60 -16.12
C LEU A 164 -14.61 8.95 -15.43
N ILE A 165 -13.87 9.90 -15.98
CA ILE A 165 -13.82 11.31 -15.53
C ILE A 165 -15.18 12.07 -15.59
N ASP A 166 -15.27 13.16 -14.84
CA ASP A 166 -16.54 13.87 -14.61
C ASP A 166 -16.28 15.38 -14.46
N GLU A 167 -17.40 16.10 -14.15
CA GLU A 167 -17.36 17.47 -13.64
C GLU A 167 -17.04 17.40 -12.15
N LYS A 168 -17.66 16.42 -11.50
CA LYS A 168 -17.49 16.21 -10.08
C LYS A 168 -16.29 15.30 -9.76
N THR A 169 -15.49 14.95 -10.77
CA THR A 169 -14.20 14.25 -10.53
C THR A 169 -13.17 15.17 -9.92
N ALA A 170 -12.97 14.96 -8.63
CA ALA A 170 -11.95 15.67 -7.91
C ALA A 170 -10.59 15.10 -8.27
N CYS A 171 -10.41 13.77 -8.14
CA CYS A 171 -9.07 13.20 -8.01
C CYS A 171 -8.88 11.83 -8.61
N LEU A 172 -7.60 11.45 -8.65
CA LEU A 172 -7.19 10.16 -9.11
C LEU A 172 -6.20 9.53 -8.11
N VAL A 173 -6.52 8.32 -7.66
CA VAL A 173 -5.72 7.66 -6.64
C VAL A 173 -4.93 6.56 -7.34
N VAL A 174 -3.61 6.54 -7.15
CA VAL A 174 -2.79 5.47 -7.68
C VAL A 174 -2.02 4.78 -6.55
N ASN A 175 -2.11 3.45 -6.47
CA ASN A 175 -1.45 2.67 -5.41
C ASN A 175 -0.33 1.80 -5.96
N ASN A 176 0.89 2.25 -5.71
CA ASN A 176 2.07 1.61 -6.30
C ASN A 176 3.30 1.71 -5.40
N PRO A 177 3.84 0.54 -5.00
CA PRO A 177 3.32 -0.78 -5.29
C PRO A 177 1.95 -0.99 -4.69
N SER A 178 1.29 -2.06 -5.14
CA SER A 178 -0.11 -2.30 -4.86
C SER A 178 -0.31 -3.26 -3.67
N ASN A 179 -1.23 -2.86 -2.77
CA ASN A 179 -1.99 -3.83 -1.99
C ASN A 179 -3.38 -3.84 -2.66
N PRO A 180 -3.83 -5.00 -3.20
CA PRO A 180 -3.39 -6.38 -3.00
C PRO A 180 -2.55 -7.02 -4.12
N CYS A 181 -2.50 -6.37 -5.26
CA CYS A 181 -1.89 -6.98 -6.46
C CYS A 181 -0.48 -7.57 -6.29
N GLY A 182 0.36 -6.95 -5.47
CA GLY A 182 1.80 -7.28 -5.46
C GLY A 182 2.63 -6.57 -6.54
N SER A 183 2.04 -5.58 -7.21
CA SER A 183 2.57 -5.01 -8.44
C SER A 183 3.38 -3.70 -8.32
N VAL A 184 4.47 -3.65 -9.07
CA VAL A 184 5.23 -2.42 -9.27
C VAL A 184 5.14 -2.02 -10.75
N PHE A 185 4.69 -0.79 -11.01
CA PHE A 185 4.57 -0.28 -12.39
C PHE A 185 5.88 0.12 -13.06
N SER A 186 5.94 -0.16 -14.36
CA SER A 186 7.08 0.15 -15.24
C SER A 186 7.37 1.63 -15.26
N LYS A 187 8.65 1.97 -15.44
CA LYS A 187 9.07 3.38 -15.61
C LYS A 187 8.18 4.12 -16.66
N ARG A 188 7.58 3.36 -17.58
CA ARG A 188 6.70 3.88 -18.65
C ARG A 188 5.24 4.08 -18.27
N HIS A 189 4.64 3.01 -17.76
CA HIS A 189 3.21 3.02 -17.50
C HIS A 189 2.95 4.22 -16.62
N LEU A 190 3.91 4.51 -15.76
CA LEU A 190 3.82 5.63 -14.86
C LEU A 190 3.69 6.97 -15.62
N GLN A 191 4.51 7.15 -16.67
CA GLN A 191 4.50 8.37 -17.50
C GLN A 191 3.23 8.42 -18.30
N LYS A 192 2.75 7.25 -18.69
CA LYS A 192 1.45 7.15 -19.33
C LYS A 192 0.34 7.54 -18.38
N ILE A 193 0.44 7.16 -17.12
CA ILE A 193 -0.62 7.52 -16.20
C ILE A 193 -0.51 9.01 -15.99
N LEU A 194 0.72 9.50 -15.97
CA LEU A 194 0.96 10.94 -15.86
C LEU A 194 0.58 11.74 -17.12
N ALA A 195 0.53 11.05 -18.27
CA ALA A 195 0.02 11.62 -19.51
C ALA A 195 -1.50 11.86 -19.44
N VAL A 196 -2.21 10.96 -18.76
CA VAL A 196 -3.68 11.01 -18.67
C VAL A 196 -4.21 12.14 -17.77
N ALA A 197 -3.42 12.56 -16.76
CA ALA A 197 -3.84 13.61 -15.78
C ALA A 197 -3.84 15.04 -16.34
N GLU A 198 -2.82 15.36 -17.14
CA GLU A 198 -2.71 16.63 -17.86
C GLU A 198 -3.65 16.74 -19.08
N ARG A 199 -4.32 15.65 -19.44
CA ARG A 199 -5.37 15.63 -20.50
C ARG A 199 -6.82 15.63 -19.93
N GLN A 200 -6.90 15.66 -18.58
CA GLN A 200 -8.20 15.81 -17.92
C GLN A 200 -8.09 16.67 -16.64
N CYS A 201 -6.93 17.29 -16.46
CA CYS A 201 -6.70 18.29 -15.40
C CYS A 201 -7.13 17.81 -14.03
N VAL A 202 -6.47 16.75 -13.56
CA VAL A 202 -6.85 16.08 -12.27
C VAL A 202 -5.62 15.71 -11.39
N PRO A 203 -5.77 15.86 -10.05
CA PRO A 203 -4.76 15.51 -9.06
C PRO A 203 -4.59 13.99 -8.89
N ILE A 204 -3.33 13.62 -8.52
CA ILE A 204 -3.00 12.19 -8.34
C ILE A 204 -2.42 11.94 -6.94
N LEU A 205 -3.31 11.72 -5.95
CA LEU A 205 -2.90 11.13 -4.66
C LEU A 205 -2.15 9.88 -5.14
N ALA A 206 -0.80 9.87 -4.89
CA ALA A 206 -0.03 8.70 -5.28
C ALA A 206 0.23 8.05 -3.94
N ASP A 207 -0.60 7.05 -3.60
CA ASP A 207 -0.39 6.21 -2.45
C ASP A 207 0.82 5.35 -2.72
N GLU A 208 1.93 5.70 -2.10
CA GLU A 208 3.13 4.94 -2.31
C GLU A 208 3.67 4.58 -0.96
N ILE A 209 2.78 4.11 -0.09
CA ILE A 209 3.22 3.74 1.22
C ILE A 209 4.24 2.63 1.07
N TYR A 210 4.20 1.90 -0.06
CA TYR A 210 5.14 0.80 -0.31
C TYR A 210 6.48 1.16 -0.97
N GLY A 211 6.71 2.45 -1.15
CA GLY A 211 7.91 2.99 -1.79
C GLY A 211 9.21 2.32 -1.40
N ASP A 212 10.06 2.02 -2.39
CA ASP A 212 11.35 1.32 -2.20
C ASP A 212 11.20 -0.13 -1.69
N MET A 213 9.97 -0.65 -1.72
CA MET A 213 9.69 -2.00 -1.27
C MET A 213 9.71 -3.03 -2.39
N VAL A 214 10.52 -2.76 -3.41
CA VAL A 214 10.63 -3.67 -4.56
C VAL A 214 11.89 -4.53 -4.63
N PHE A 215 11.75 -5.72 -5.21
CA PHE A 215 12.87 -6.64 -5.35
C PHE A 215 13.08 -7.18 -6.75
N SER A 216 12.03 -7.12 -7.57
CA SER A 216 12.09 -7.61 -8.94
C SER A 216 13.29 -7.00 -9.65
N ASP A 217 13.63 -7.57 -10.79
CA ASP A 217 14.68 -6.99 -11.60
C ASP A 217 14.69 -5.48 -11.52
N CYS A 218 13.48 -4.92 -11.60
CA CYS A 218 13.19 -3.54 -11.99
C CYS A 218 13.41 -2.67 -10.76
N LYS A 219 14.10 -1.55 -10.96
CA LYS A 219 14.39 -0.61 -9.87
C LYS A 219 13.05 -0.01 -9.48
N TYR A 220 13.10 1.00 -8.61
CA TYR A 220 11.89 1.67 -8.15
C TYR A 220 11.72 3.15 -8.49
N GLU A 221 10.54 3.51 -8.98
CA GLU A 221 10.24 4.87 -9.34
C GLU A 221 9.10 5.44 -8.50
N PRO A 222 9.43 6.45 -7.65
CA PRO A 222 8.38 7.26 -7.08
C PRO A 222 7.80 8.07 -8.21
N MET A 223 6.47 8.10 -8.24
CA MET A 223 5.69 8.67 -9.34
C MET A 223 5.92 10.16 -9.60
N ALA A 224 6.29 10.90 -8.57
CA ALA A 224 6.43 12.36 -8.68
C ALA A 224 7.73 12.72 -9.38
N THR A 225 8.80 11.95 -9.15
CA THR A 225 10.07 12.17 -9.87
C THR A 225 9.92 12.21 -11.39
N LEU A 226 8.84 11.57 -11.87
CA LEU A 226 8.52 11.46 -13.29
C LEU A 226 7.39 12.40 -13.73
N SER A 227 7.14 13.45 -12.96
CA SER A 227 6.07 14.39 -13.28
C SER A 227 6.62 15.76 -13.68
N THR A 228 5.89 16.45 -14.55
CA THR A 228 6.30 17.78 -15.02
C THR A 228 5.18 18.84 -15.17
N ASN A 229 3.97 18.38 -15.52
CA ASN A 229 2.75 19.23 -15.49
C ASN A 229 1.63 18.66 -14.60
N VAL A 230 1.99 17.74 -13.68
CA VAL A 230 0.99 17.05 -12.81
C VAL A 230 1.16 17.14 -11.26
N PRO A 231 0.11 17.66 -10.58
CA PRO A 231 0.12 17.86 -9.15
C PRO A 231 -0.05 16.54 -8.45
N ILE A 232 0.82 16.28 -7.48
CA ILE A 232 0.77 15.02 -6.77
C ILE A 232 0.86 15.28 -5.29
N LEU A 233 0.17 14.42 -4.53
CA LEU A 233 0.34 14.38 -3.10
C LEU A 233 0.68 12.94 -2.75
N SER A 234 1.90 12.73 -2.26
CA SER A 234 2.37 11.37 -1.98
C SER A 234 2.26 10.94 -0.51
N CYS A 235 1.59 9.83 -0.29
CA CYS A 235 1.60 9.23 1.01
C CYS A 235 2.90 8.44 1.24
N GLY A 236 3.13 8.04 2.49
CA GLY A 236 4.26 7.17 2.84
C GLY A 236 4.52 7.20 4.32
N GLY A 237 5.38 6.29 4.79
CA GLY A 237 5.75 6.22 6.20
C GLY A 237 6.47 4.95 6.67
N LEU A 238 6.67 4.87 7.97
CA LEU A 238 7.44 3.79 8.52
C LEU A 238 6.76 2.40 8.45
N ALA A 239 5.43 2.39 8.58
CA ALA A 239 4.66 1.17 8.83
C ALA A 239 5.11 -0.06 8.00
N ARG A 241 7.85 -0.23 5.38
CA ARG A 241 9.24 -0.53 5.08
C ARG A 241 9.95 -0.97 6.34
N TRP A 242 9.81 -0.18 7.40
CA TRP A 242 10.55 -0.43 8.62
C TRP A 242 9.79 -1.35 9.52
N LEU A 243 8.66 -1.86 9.05
CA LEU A 243 7.97 -2.94 9.74
C LEU A 243 7.61 -2.55 11.18
N VAL A 244 7.27 -1.29 11.38
CA VAL A 244 6.76 -0.82 12.67
C VAL A 244 5.29 -0.29 12.47
N PRO A 245 4.37 -1.20 12.07
CA PRO A 245 3.06 -0.76 11.63
C PRO A 245 2.20 -0.15 12.74
N GLY A 246 2.33 -0.72 13.94
CA GLY A 246 1.68 -0.18 15.11
C GLY A 246 2.20 1.16 15.61
N TRP A 247 3.27 1.72 15.00
CA TRP A 247 3.85 3.01 15.50
C TRP A 247 3.21 4.30 14.98
N ARG A 248 2.46 4.16 13.89
CA ARG A 248 1.65 5.23 13.31
C ARG A 248 2.32 6.55 12.97
N LEU A 249 3.36 6.50 12.16
CA LEU A 249 3.89 7.72 11.58
C LEU A 249 3.93 7.69 10.09
N GLY A 250 3.74 8.85 9.50
CA GLY A 250 3.57 8.89 8.07
C GLY A 250 3.57 10.31 7.61
N TRP A 251 3.67 10.50 6.30
CA TRP A 251 3.81 11.84 5.76
C TRP A 251 3.06 12.04 4.49
N ILE A 252 2.55 13.25 4.35
CA ILE A 252 2.13 13.71 3.05
C ILE A 252 3.38 14.31 2.44
N LEU A 253 3.72 13.88 1.24
CA LEU A 253 4.71 14.60 0.46
C LEU A 253 3.96 15.34 -0.64
N ILE A 254 3.99 16.67 -0.56
CA ILE A 254 3.34 17.53 -1.58
C ILE A 254 4.30 17.70 -2.76
N HIS A 255 3.73 17.73 -3.97
CA HIS A 255 4.55 17.84 -5.20
C HIS A 255 3.91 18.77 -6.28
N ASP A 256 3.91 20.07 -5.98
CA ASP A 256 3.18 21.02 -6.81
C ASP A 256 4.20 21.33 -7.93
N ARG A 257 3.85 20.89 -9.13
CA ARG A 257 4.55 21.23 -10.36
C ARG A 257 3.56 22.03 -11.18
N ARG A 258 3.92 23.29 -11.49
CA ARG A 258 3.02 24.19 -12.20
C ARG A 258 2.00 25.03 -11.42
N ASP A 259 2.14 25.12 -10.10
CA ASP A 259 1.30 26.06 -9.29
C ASP A 259 -0.23 25.83 -9.44
N ILE A 260 -0.62 24.61 -9.80
CA ILE A 260 -2.04 24.27 -9.81
C ILE A 260 -2.53 24.23 -8.35
N PHE A 261 -1.63 23.74 -7.49
CA PHE A 261 -1.84 23.68 -6.06
C PHE A 261 -1.66 25.05 -5.39
N GLY A 262 -0.40 25.46 -5.29
CA GLY A 262 -0.01 26.72 -4.66
C GLY A 262 -0.35 26.79 -3.18
N ASN A 263 -0.30 27.99 -2.63
CA ASN A 263 -0.60 28.20 -1.22
C ASN A 263 -2.08 27.95 -0.88
N GLU A 264 -2.93 28.01 -1.91
CA GLU A 264 -4.39 27.78 -1.77
C GLU A 264 -4.70 26.35 -1.28
N ILE A 265 -3.92 25.37 -1.74
CA ILE A 265 -4.11 24.00 -1.26
C ILE A 265 -3.36 23.70 0.06
N ARG A 266 -2.09 24.14 0.16
CA ARG A 266 -1.19 23.90 1.33
C ARG A 266 -1.84 24.26 2.66
N ASP A 267 -2.55 25.40 2.70
CA ASP A 267 -3.32 25.85 3.88
C ASP A 267 -4.45 24.91 4.27
N GLY A 268 -5.08 24.29 3.27
CA GLY A 268 -6.14 23.32 3.49
C GLY A 268 -5.65 22.16 4.35
N LEU A 269 -4.38 21.81 4.16
CA LEU A 269 -3.75 20.75 4.96
C LEU A 269 -3.34 21.20 6.37
N VAL A 270 -2.69 22.37 6.41
CA VAL A 270 -2.24 22.99 7.64
C VAL A 270 -3.44 23.24 8.55
N LYS A 271 -4.53 23.74 7.98
CA LYS A 271 -5.76 23.94 8.74
C LYS A 271 -6.41 22.62 9.20
N LEU A 272 -6.47 21.65 8.29
CA LEU A 272 -7.14 20.38 8.58
C LEU A 272 -6.36 19.62 9.60
N SER A 273 -5.04 19.76 9.52
CA SER A 273 -4.13 18.96 10.32
C SER A 273 -4.46 19.15 11.78
N GLN A 274 -4.81 20.39 12.10
CA GLN A 274 -5.05 20.79 13.46
C GLN A 274 -6.27 20.10 14.09
N ARG A 275 -6.94 19.21 13.36
CA ARG A 275 -8.05 18.47 13.99
C ARG A 275 -7.62 17.33 14.95
N ILE A 276 -6.75 16.43 14.50
CA ILE A 276 -6.21 15.36 15.40
C ILE A 276 -4.72 15.57 15.78
N LEU A 277 -4.08 16.60 15.18
CA LEU A 277 -2.74 17.11 15.59
C LEU A 277 -1.56 16.14 15.39
N GLY A 278 -1.70 15.23 14.43
CA GLY A 278 -0.60 14.39 14.02
C GLY A 278 -0.20 13.29 14.99
N PRO A 279 1.06 12.82 14.86
CA PRO A 279 1.60 11.57 15.40
C PRO A 279 2.29 11.69 16.76
N CYS A 280 2.83 10.58 17.27
CA CYS A 280 3.54 10.58 18.55
C CYS A 280 4.89 11.28 18.40
N THR A 281 5.27 12.09 19.38
CA THR A 281 6.45 12.90 19.22
C THR A 281 7.72 12.12 19.34
N ILE A 282 7.70 11.00 20.06
CA ILE A 282 8.88 10.15 20.17
C ILE A 282 9.22 9.66 18.78
N VAL A 283 8.18 9.34 18.00
CA VAL A 283 8.36 8.75 16.70
C VAL A 283 8.90 9.87 15.85
N GLN A 284 8.49 11.10 16.11
CA GLN A 284 8.95 12.19 15.29
C GLN A 284 10.39 12.46 15.64
N GLY A 285 10.69 12.38 16.94
CA GLY A 285 12.04 12.62 17.41
C GLY A 285 12.94 11.67 16.63
N ALA A 286 12.65 10.40 16.81
CA ALA A 286 13.45 9.30 16.31
C ALA A 286 13.53 9.23 14.81
N LEU A 287 12.69 9.99 14.14
CA LEU A 287 12.69 9.95 12.69
C LEU A 287 14.04 10.31 12.06
N LYS A 288 14.65 11.43 12.46
CA LYS A 288 15.93 11.86 11.82
C LYS A 288 16.93 10.72 11.85
N SER A 289 16.94 10.02 12.97
CA SER A 289 17.89 8.94 13.17
C SER A 289 17.47 7.63 12.47
N ILE A 290 16.20 7.25 12.47
CA ILE A 290 15.79 6.06 11.77
C ILE A 290 16.23 6.15 10.32
N LEU A 291 15.96 7.28 9.66
CA LEU A 291 16.35 7.49 8.26
C LEU A 291 17.83 7.42 7.99
N GLN A 292 18.64 8.02 8.86
CA GLN A 292 20.07 8.16 8.56
C GLN A 292 20.94 7.01 9.08
N ARG A 293 20.40 6.22 9.98
CA ARG A 293 21.23 5.21 10.66
C ARG A 293 20.82 3.77 10.38
N THR A 294 19.80 3.59 9.55
CA THR A 294 19.35 2.23 9.18
C THR A 294 20.26 1.69 8.06
N PRO A 295 20.86 0.51 8.30
CA PRO A 295 21.78 -0.06 7.32
C PRO A 295 21.04 -0.67 6.16
N GLN A 296 21.59 -0.53 4.95
CA GLN A 296 21.00 -1.17 3.78
C GLN A 296 20.89 -2.67 3.96
N GLU A 297 21.83 -3.29 4.68
CA GLU A 297 21.70 -4.74 4.97
C GLU A 297 20.34 -5.10 5.62
N PHE A 298 19.63 -4.11 6.17
CA PHE A 298 18.28 -4.30 6.70
C PHE A 298 17.26 -4.46 5.56
N TYR A 299 17.20 -3.47 4.68
CA TYR A 299 16.38 -3.53 3.47
C TYR A 299 16.72 -4.70 2.54
N GLN A 300 17.99 -4.79 2.11
CA GLN A 300 18.42 -5.92 1.27
C GLN A 300 17.82 -7.25 1.81
N ASP A 301 18.01 -7.51 3.11
CA ASP A 301 17.48 -8.70 3.77
C ASP A 301 15.99 -8.84 3.55
N THR A 302 15.29 -7.73 3.72
CA THR A 302 13.84 -7.73 3.76
C THR A 302 13.29 -8.15 2.39
N LEU A 303 13.73 -7.43 1.36
CA LEU A 303 13.32 -7.71 0.01
C LEU A 303 13.87 -9.04 -0.50
N SER A 304 15.08 -9.40 -0.07
CA SER A 304 15.65 -10.74 -0.37
C SER A 304 14.72 -11.85 0.04
N PHE A 305 14.34 -11.86 1.32
CA PHE A 305 13.36 -12.80 1.86
C PHE A 305 11.94 -12.61 1.30
N LEU A 306 11.65 -11.45 0.69
CA LEU A 306 10.32 -11.23 0.05
C LEU A 306 10.26 -11.66 -1.41
N LYS A 307 11.42 -11.90 -2.04
CA LYS A 307 11.46 -12.50 -3.36
C LYS A 307 11.29 -14.00 -3.21
N SER A 308 12.16 -14.59 -2.39
CA SER A 308 12.19 -16.03 -2.23
C SER A 308 10.82 -16.57 -1.90
N ASN A 309 10.21 -16.00 -0.87
CA ASN A 309 8.93 -16.50 -0.38
C ASN A 309 7.87 -16.27 -1.48
N ALA A 310 7.97 -15.13 -2.18
CA ALA A 310 7.07 -14.84 -3.30
C ALA A 310 7.24 -15.88 -4.43
N ASP A 311 8.46 -16.19 -4.78
CA ASP A 311 8.75 -17.20 -5.77
C ASP A 311 8.27 -18.62 -5.40
N LEU A 312 8.49 -19.02 -4.15
CA LEU A 312 7.97 -20.29 -3.64
C LEU A 312 6.46 -20.33 -3.75
N CYS A 313 5.85 -19.23 -3.34
CA CYS A 313 4.42 -19.14 -3.29
C CYS A 313 3.92 -19.17 -4.70
N TYR A 314 4.62 -18.45 -5.57
CA TYR A 314 4.22 -18.35 -6.96
C TYR A 314 4.30 -19.70 -7.67
N GLY A 315 5.47 -20.30 -7.65
CA GLY A 315 5.66 -21.61 -8.28
C GLY A 315 4.58 -22.60 -7.89
N ALA A 316 4.50 -22.91 -6.61
CA ALA A 316 3.63 -23.97 -6.11
C ALA A 316 2.16 -23.75 -6.43
N LEU A 317 1.77 -22.49 -6.30
CA LEU A 317 0.40 -22.15 -6.56
C LEU A 317 0.09 -22.23 -8.06
N SER A 318 1.05 -21.84 -8.89
CA SER A 318 0.92 -21.90 -10.33
C SER A 318 0.90 -23.37 -10.80
N ALA A 319 1.67 -24.19 -10.09
CA ALA A 319 1.73 -25.66 -10.28
C ALA A 319 0.37 -26.32 -10.07
N ILE A 320 -0.38 -25.81 -9.09
CA ILE A 320 -1.73 -26.31 -8.79
C ILE A 320 -2.69 -26.03 -9.92
N PRO A 321 -3.51 -27.03 -10.22
CA PRO A 321 -4.45 -26.87 -11.33
C PRO A 321 -5.76 -26.25 -10.85
N GLY A 322 -6.16 -25.16 -11.54
CA GLY A 322 -7.37 -24.43 -11.20
C GLY A 322 -7.15 -23.02 -10.64
N LEU A 323 -5.88 -22.66 -10.39
CA LEU A 323 -5.55 -21.37 -9.75
C LEU A 323 -4.54 -20.65 -10.61
N GLN A 324 -4.67 -19.33 -10.73
CA GLN A 324 -3.79 -18.50 -11.60
C GLN A 324 -3.05 -17.36 -10.87
N PRO A 325 -1.92 -17.68 -10.20
CA PRO A 325 -1.11 -16.69 -9.49
C PRO A 325 -0.45 -15.70 -10.40
N VAL A 326 -0.66 -14.41 -10.13
CA VAL A 326 0.02 -13.36 -10.87
C VAL A 326 1.28 -12.95 -10.10
N ARG A 327 2.44 -13.18 -10.73
CA ARG A 327 3.72 -12.87 -10.12
C ARG A 327 3.80 -11.41 -9.68
N PRO A 328 4.19 -11.19 -8.42
CA PRO A 328 4.39 -9.85 -7.89
C PRO A 328 5.82 -9.37 -8.05
N SER A 329 6.01 -8.06 -8.16
CA SER A 329 7.33 -7.47 -8.34
C SER A 329 7.80 -6.74 -7.10
N GLY A 330 6.86 -6.47 -6.19
CA GLY A 330 7.11 -5.68 -4.96
C GLY A 330 6.01 -5.79 -3.91
N ALA A 331 6.12 -5.01 -2.82
CA ALA A 331 5.20 -5.05 -1.67
C ALA A 331 5.21 -6.42 -1.03
N MET A 332 4.10 -6.82 -0.41
CA MET A 332 4.11 -8.06 0.37
C MET A 332 2.97 -9.06 0.07
N TYR A 333 2.37 -8.98 -1.11
CA TYR A 333 1.26 -9.89 -1.50
C TYR A 333 1.39 -10.31 -2.94
N LEU A 334 0.50 -11.25 -3.32
CA LEU A 334 0.30 -11.65 -4.71
C LEU A 334 -1.16 -12.00 -4.85
N MET A 335 -1.67 -11.90 -6.08
CA MET A 335 -3.03 -12.31 -6.34
C MET A 335 -3.09 -13.62 -7.13
N VAL A 336 -3.97 -14.52 -6.70
CA VAL A 336 -4.26 -15.77 -7.40
C VAL A 336 -5.69 -15.70 -7.92
N GLY A 337 -5.92 -16.28 -9.10
CA GLY A 337 -7.22 -16.22 -9.73
C GLY A 337 -7.89 -17.56 -9.83
N ILE A 338 -9.06 -17.68 -9.22
CA ILE A 338 -9.83 -18.91 -9.26
C ILE A 338 -10.53 -19.12 -10.61
N GLU A 339 -10.06 -20.10 -11.38
CA GLU A 339 -10.66 -20.40 -12.68
C GLU A 339 -12.00 -21.11 -12.51
N MET A 340 -13.06 -20.33 -12.36
CA MET A 340 -14.40 -20.89 -12.17
C MET A 340 -14.78 -21.65 -13.43
N GLU A 341 -13.95 -22.62 -13.81
CA GLU A 341 -14.20 -23.43 -14.98
C GLU A 341 -14.26 -24.90 -14.57
N HIS A 342 -13.55 -25.23 -13.50
CA HIS A 342 -13.51 -26.59 -12.99
C HIS A 342 -13.85 -26.63 -11.50
N PHE A 343 -14.39 -25.52 -11.00
CA PHE A 343 -14.76 -25.42 -9.59
C PHE A 343 -16.24 -25.19 -9.31
N PRO A 344 -17.07 -26.14 -9.71
CA PRO A 344 -18.52 -26.04 -9.52
C PRO A 344 -19.04 -25.92 -8.09
N GLU A 345 -18.58 -26.79 -7.20
CA GLU A 345 -19.01 -26.77 -5.81
C GLU A 345 -19.21 -25.34 -5.31
N PHE A 346 -18.15 -24.54 -5.41
CA PHE A 346 -18.21 -23.15 -4.98
C PHE A 346 -18.65 -22.23 -6.11
N GLU A 347 -19.44 -21.21 -5.76
CA GLU A 347 -19.93 -20.26 -6.75
C GLU A 347 -19.33 -18.86 -6.56
N ASN A 348 -18.62 -18.66 -5.44
CA ASN A 348 -17.72 -17.50 -5.27
C ASN A 348 -16.48 -17.70 -4.42
N ASP A 349 -15.44 -16.90 -4.75
CA ASP A 349 -14.20 -16.85 -3.98
C ASP A 349 -14.49 -16.74 -2.49
N VAL A 350 -15.60 -16.08 -2.17
CA VAL A 350 -16.04 -15.96 -0.78
C VAL A 350 -16.26 -17.33 -0.17
N GLU A 351 -17.01 -18.18 -0.85
CA GLU A 351 -17.33 -19.51 -0.31
C GLU A 351 -16.07 -20.37 -0.38
N PHE A 352 -15.17 -20.01 -1.32
CA PHE A 352 -13.94 -20.77 -1.58
C PHE A 352 -13.00 -20.75 -0.39
N THR A 353 -12.50 -19.55 -0.05
CA THR A 353 -11.66 -19.36 1.12
C THR A 353 -12.34 -19.95 2.32
N GLU A 354 -13.68 -19.90 2.31
CA GLU A 354 -14.51 -20.37 3.42
C GLU A 354 -14.37 -21.87 3.70
N ARG A 355 -14.67 -22.70 2.68
CA ARG A 355 -14.58 -24.16 2.88
C ARG A 355 -13.12 -24.51 3.05
N LEU A 356 -12.26 -23.70 2.44
CA LEU A 356 -10.84 -23.83 2.60
C LEU A 356 -10.42 -23.65 4.04
N ILE A 357 -10.92 -22.60 4.66
CA ILE A 357 -10.55 -22.29 6.03
C ILE A 357 -11.04 -23.39 6.98
N ALA A 358 -12.26 -23.87 6.73
CA ALA A 358 -12.90 -24.88 7.57
C ALA A 358 -12.22 -26.22 7.40
N GLU A 359 -12.13 -26.69 6.16
CA GLU A 359 -11.57 -28.01 5.86
C GLU A 359 -10.05 -28.14 6.01
N GLN A 360 -9.33 -27.07 5.65
CA GLN A 360 -7.88 -27.06 5.61
C GLN A 360 -7.20 -26.28 6.76
N SER A 361 -7.85 -25.20 7.19
CA SER A 361 -7.30 -24.28 8.19
C SER A 361 -6.36 -23.23 7.57
N VAL A 362 -6.60 -22.91 6.30
CA VAL A 362 -5.82 -21.86 5.63
C VAL A 362 -6.62 -20.59 5.36
N HIS A 363 -6.17 -19.52 6.00
CA HIS A 363 -6.84 -18.24 5.92
C HIS A 363 -6.33 -17.48 4.74
N CYS A 364 -7.15 -17.41 3.69
CA CYS A 364 -6.95 -16.48 2.58
C CYS A 364 -8.05 -15.44 2.54
N LEU A 365 -7.73 -14.29 1.96
CA LEU A 365 -8.67 -13.19 1.95
C LEU A 365 -9.35 -13.13 0.60
N PRO A 366 -10.70 -13.26 0.59
CA PRO A 366 -11.51 -13.30 -0.64
C PRO A 366 -11.52 -11.93 -1.25
N ALA A 367 -11.08 -11.83 -2.50
CA ALA A 367 -10.72 -10.54 -3.10
C ALA A 367 -11.92 -9.68 -3.45
N THR A 368 -13.12 -10.18 -3.12
CA THR A 368 -14.34 -9.37 -3.08
C THR A 368 -14.12 -8.02 -2.35
N CYS A 369 -13.46 -8.12 -1.17
CA CYS A 369 -13.08 -6.97 -0.33
C CYS A 369 -12.40 -5.88 -1.12
N PHE A 370 -11.48 -6.25 -2.01
CA PHE A 370 -10.78 -5.27 -2.84
C PHE A 370 -11.59 -4.95 -4.07
N GLU A 371 -12.87 -5.38 -4.02
CA GLU A 371 -13.89 -5.05 -5.05
C GLU A 371 -13.58 -5.80 -6.34
N TYR A 372 -13.12 -7.04 -6.22
CA TYR A 372 -12.65 -7.82 -7.35
C TYR A 372 -12.88 -9.28 -6.97
N PRO A 373 -14.06 -9.85 -7.32
CA PRO A 373 -14.37 -11.27 -6.99
C PRO A 373 -13.69 -12.33 -7.92
N ASN A 374 -13.93 -13.61 -7.57
CA ASN A 374 -13.37 -14.82 -8.25
C ASN A 374 -11.89 -15.08 -7.90
N PHE A 375 -11.39 -14.43 -6.84
CA PHE A 375 -9.96 -14.30 -6.56
C PHE A 375 -9.73 -14.15 -5.05
N PHE A 376 -8.49 -14.37 -4.62
CA PHE A 376 -8.07 -14.13 -3.23
C PHE A 376 -6.62 -13.59 -3.13
N ARG A 377 -6.31 -12.99 -1.96
CA ARG A 377 -4.98 -12.41 -1.66
C ARG A 377 -4.22 -13.21 -0.59
N VAL A 378 -2.95 -13.45 -0.87
CA VAL A 378 -2.10 -14.21 0.00
C VAL A 378 -0.88 -13.34 0.27
N VAL A 379 -0.56 -13.12 1.54
CA VAL A 379 0.62 -12.32 1.88
C VAL A 379 1.78 -13.28 2.00
N ILE A 380 2.98 -12.74 1.82
CA ILE A 380 4.17 -13.58 1.71
C ILE A 380 5.17 -13.41 2.86
N THR A 381 4.69 -12.78 3.93
CA THR A 381 5.58 -12.38 5.03
C THR A 381 5.74 -13.51 6.04
N VAL A 382 4.79 -14.47 5.94
CA VAL A 382 4.71 -15.71 6.73
C VAL A 382 5.94 -16.55 6.36
N PRO A 383 6.48 -17.35 7.33
CA PRO A 383 7.73 -18.09 7.05
C PRO A 383 7.60 -19.05 5.85
N GLU A 384 8.71 -19.34 5.18
CA GLU A 384 8.66 -20.17 3.98
C GLU A 384 8.21 -21.60 4.28
N VAL A 385 8.74 -22.16 5.36
CA VAL A 385 8.42 -23.50 5.81
C VAL A 385 6.92 -23.55 6.04
N MET A 386 6.33 -22.36 6.09
CA MET A 386 4.92 -22.22 6.35
C MET A 386 4.21 -21.93 5.04
N MET A 387 4.79 -21.06 4.24
CA MET A 387 4.29 -20.87 2.92
C MET A 387 4.15 -22.24 2.32
N LEU A 388 5.23 -23.01 2.38
CA LEU A 388 5.28 -24.31 1.77
C LEU A 388 4.19 -25.25 2.28
N GLU A 389 4.07 -25.37 3.61
CA GLU A 389 3.07 -26.25 4.18
C GLU A 389 1.69 -25.79 3.80
N ALA A 390 1.47 -24.49 3.87
CA ALA A 390 0.20 -23.98 3.47
C ALA A 390 -0.08 -24.25 1.98
N CYS A 391 0.97 -24.27 1.14
CA CYS A 391 0.79 -24.49 -0.31
C CYS A 391 0.21 -25.87 -0.71
N SER A 392 0.76 -26.95 -0.16
CA SER A 392 0.15 -28.29 -0.34
C SER A 392 -1.28 -28.40 0.20
N ARG A 393 -1.52 -27.87 1.38
CA ARG A 393 -2.85 -27.84 1.89
C ARG A 393 -3.79 -27.38 0.77
N ILE A 394 -3.42 -26.27 0.12
CA ILE A 394 -4.22 -25.68 -0.96
C ILE A 394 -4.34 -26.66 -2.10
N GLN A 395 -3.29 -27.45 -2.33
CA GLN A 395 -3.33 -28.44 -3.39
C GLN A 395 -4.21 -29.62 -3.04
N GLU A 396 -4.18 -30.05 -1.78
CA GLU A 396 -5.06 -31.12 -1.30
C GLU A 396 -6.53 -30.67 -1.42
N PHE A 397 -6.73 -29.36 -1.41
CA PHE A 397 -8.04 -28.76 -1.52
C PHE A 397 -8.55 -28.79 -2.97
N CYS A 398 -7.65 -28.73 -3.94
CA CYS A 398 -8.03 -28.60 -5.35
C CYS A 398 -7.96 -29.89 -6.14
N GLU A 399 -7.28 -30.89 -5.62
CA GLU A 399 -7.39 -32.22 -6.22
C GLU A 399 -8.65 -32.89 -5.68
N GLN A 400 -9.58 -32.06 -5.16
CA GLN A 400 -10.87 -32.58 -4.81
C GLN A 400 -11.98 -31.67 -5.28
N HIS A 401 -11.66 -30.43 -5.64
CA HIS A 401 -12.71 -29.51 -6.06
C HIS A 401 -12.68 -28.88 -7.43
N TYR A 402 -11.54 -28.88 -8.11
CA TYR A 402 -11.52 -28.32 -9.44
C TYR A 402 -12.09 -29.27 -10.45
#